data_6B50
#
_entry.id   6B50
#
_cell.length_a   140.188
_cell.length_b   39.401
_cell.length_c   53.816
_cell.angle_alpha   90.00
_cell.angle_beta   90.00
_cell.angle_gamma   90.00
#
_symmetry.space_group_name_H-M   'P 21 21 2'
#
loop_
_entity.id
_entity.type
_entity.pdbx_description
1 polymer 'Sulfotransferase oxamniquine resistance protein'
2 non-polymer "ADENOSINE-3'-5'-DIPHOSPHATE"
3 non-polymer {(2S)-7-nitro-2-[(propan-2-ylamino)methyl]-1,2,3,4-tetrahydroquinolin-6-yl}methanol
4 water water
#
_entity_poly.entity_id   1
_entity_poly.type   'polypeptide(L)'
_entity_poly.pdbx_seq_one_letter_code
;GAMIESSTTIQVISAGLPRTGTKSLKNALEIIYHKPCYHMFEIIFNKQSDIIKWQNLIHDSHMITTPPPLTTKTIAIYDK
LKELLDGYIATTDLPTCGFYKDLMNIYPNAKVLLTIRDKYDWLHSLRKVVLPKSNDPWKLKIEEGDKVLGLNSDFYKLSE
DSLKFAFQKDDLNFDDDQVLLECYDEYNRLVQETVPSDRLLVLRLGDGWEPLCKFLNVEIPNGIDYPCVNSHHQMTQLTE
QLIKYKSLDAIIHMFPDLI
;
_entity_poly.pdbx_strand_id   A
#
loop_
_chem_comp.id
_chem_comp.type
_chem_comp.name
_chem_comp.formula
A3P RNA linking ADENOSINE-3'-5'-DIPHOSPHATE 'C10 H15 N5 O10 P2'
OAQ non-polymer {(2S)-7-nitro-2-[(propan-2-ylamino)methyl]-1,2,3,4-tetrahydroquinolin-6-yl}methanol 'C14 H21 N3 O3'
#
# COMPACT_ATOMS: atom_id res chain seq x y z
N GLY A 1 -14.10 17.69 -20.15
CA GLY A 1 -13.22 17.04 -21.09
C GLY A 1 -13.87 15.82 -21.72
N ALA A 2 -13.27 15.34 -22.81
CA ALA A 2 -13.82 14.18 -23.51
C ALA A 2 -13.55 12.87 -22.77
N MET A 3 -14.42 11.90 -22.98
CA MET A 3 -14.21 10.55 -22.46
C MET A 3 -13.35 9.74 -23.43
N ILE A 4 -12.25 9.17 -22.94
CA ILE A 4 -11.38 8.35 -23.78
C ILE A 4 -11.24 6.94 -23.19
N GLU A 5 -10.96 5.96 -24.05
CA GLU A 5 -10.90 4.58 -23.60
C GLU A 5 -9.50 4.21 -23.09
N SER A 6 -9.38 4.16 -21.77
CA SER A 6 -8.14 3.87 -21.08
C SER A 6 -7.81 2.37 -21.11
N SER A 7 -6.53 2.06 -21.32
CA SER A 7 -6.05 0.68 -21.27
C SER A 7 -6.05 0.08 -19.85
N THR A 8 -6.52 -1.15 -19.70
CA THR A 8 -6.50 -1.80 -18.39
C THR A 8 -5.14 -2.46 -18.20
N THR A 9 -4.19 -1.65 -17.74
CA THR A 9 -2.84 -2.06 -17.43
C THR A 9 -2.32 -1.11 -16.38
N ILE A 10 -1.20 -1.44 -15.75
CA ILE A 10 -0.69 -0.58 -14.68
C ILE A 10 -0.24 0.77 -15.26
N GLN A 11 -0.91 1.83 -14.83
CA GLN A 11 -0.67 3.18 -15.35
C GLN A 11 0.05 4.05 -14.34
N VAL A 12 -0.03 3.64 -13.08
CA VAL A 12 0.53 4.41 -11.97
C VAL A 12 1.20 3.45 -10.97
N ILE A 13 2.47 3.70 -10.66
CA ILE A 13 3.19 2.93 -9.65
C ILE A 13 3.41 3.81 -8.43
N SER A 14 2.79 3.48 -7.29
CA SER A 14 2.99 4.33 -6.11
C SER A 14 3.98 3.70 -5.14
N ALA A 15 5.08 4.43 -4.92
CA ALA A 15 6.20 3.95 -4.10
C ALA A 15 6.03 4.26 -2.60
N GLY A 16 4.98 5.00 -2.26
CA GLY A 16 4.79 5.42 -0.88
C GLY A 16 4.61 4.25 0.08
N LEU A 17 5.13 4.42 1.29
CA LEU A 17 5.03 3.42 2.36
C LEU A 17 3.67 3.41 3.02
N PRO A 18 3.34 2.31 3.73
CA PRO A 18 2.07 2.32 4.46
C PRO A 18 1.96 3.51 5.43
N ARG A 19 0.73 3.98 5.64
CA ARG A 19 0.40 5.09 6.52
C ARG A 19 0.81 6.45 5.95
N THR A 20 0.87 6.55 4.62
CA THR A 20 1.16 7.81 3.95
C THR A 20 0.03 8.26 3.03
N GLY A 21 -1.18 7.79 3.29
CA GLY A 21 -2.31 8.11 2.44
C GLY A 21 -2.52 7.17 1.27
N THR A 22 -2.06 5.92 1.41
CA THR A 22 -2.10 4.98 0.27
C THR A 22 -3.52 4.51 -0.02
N LYS A 23 -4.35 4.35 1.02
CA LYS A 23 -5.72 3.89 0.76
C LYS A 23 -6.54 5.02 0.12
N SER A 24 -6.34 6.26 0.55
CA SER A 24 -6.99 7.38 -0.12
C SER A 24 -6.58 7.45 -1.58
N LEU A 25 -5.30 7.20 -1.86
CA LEU A 25 -4.78 7.24 -3.23
C LEU A 25 -5.41 6.12 -4.05
N LYS A 26 -5.44 4.92 -3.47
CA LYS A 26 -6.09 3.79 -4.09
C LYS A 26 -7.52 4.16 -4.50
N ASN A 27 -8.28 4.72 -3.56
CA ASN A 27 -9.66 5.14 -3.84
C ASN A 27 -9.70 6.23 -4.92
N ALA A 28 -8.80 7.20 -4.85
CA ALA A 28 -8.77 8.28 -5.82
C ALA A 28 -8.48 7.76 -7.24
N LEU A 29 -7.55 6.82 -7.34
CA LEU A 29 -7.18 6.25 -8.63
C LEU A 29 -8.34 5.44 -9.20
N GLU A 30 -9.07 4.77 -8.32
CA GLU A 30 -10.20 3.98 -8.79
C GLU A 30 -11.33 4.90 -9.24
N ILE A 31 -11.41 6.09 -8.64
CA ILE A 31 -12.38 7.09 -9.06
C ILE A 31 -12.03 7.63 -10.46
N ILE A 32 -10.75 7.86 -10.70
CA ILE A 32 -10.31 8.39 -11.99
C ILE A 32 -10.44 7.35 -13.11
N TYR A 33 -9.95 6.14 -12.87
CA TYR A 33 -9.80 5.14 -13.93
C TYR A 33 -10.94 4.12 -14.03
N HIS A 34 -11.79 4.07 -13.00
CA HIS A 34 -12.92 3.13 -12.99
C HIS A 34 -12.47 1.67 -13.14
N LYS A 35 -11.26 1.37 -12.70
CA LYS A 35 -10.77 0.00 -12.65
C LYS A 35 -10.06 -0.15 -11.32
N PRO A 36 -9.79 -1.39 -10.86
CA PRO A 36 -9.24 -1.55 -9.50
C PRO A 36 -7.77 -1.19 -9.36
N CYS A 37 -7.39 -0.79 -8.14
CA CYS A 37 -6.02 -0.44 -7.80
C CYS A 37 -5.52 -1.39 -6.73
N TYR A 38 -4.26 -1.83 -6.83
CA TYR A 38 -3.75 -2.78 -5.83
C TYR A 38 -3.43 -2.04 -4.52
N HIS A 39 -3.53 -2.74 -3.41
CA HIS A 39 -3.31 -2.19 -2.07
C HIS A 39 -3.29 -3.39 -1.11
N MET A 40 -2.72 -3.24 0.08
CA MET A 40 -2.77 -4.36 1.03
C MET A 40 -4.23 -4.73 1.29
N PHE A 41 -5.13 -3.76 1.28
CA PHE A 41 -6.54 -4.07 1.51
C PHE A 41 -7.12 -5.02 0.46
N GLU A 42 -6.55 -4.99 -0.73
CA GLU A 42 -6.97 -5.88 -1.80
C GLU A 42 -6.65 -7.31 -1.40
N ILE A 43 -5.47 -7.50 -0.82
CA ILE A 43 -5.09 -8.83 -0.37
C ILE A 43 -5.98 -9.29 0.79
N ILE A 44 -6.14 -8.44 1.80
CA ILE A 44 -6.89 -8.78 3.00
C ILE A 44 -8.35 -9.09 2.73
N PHE A 45 -8.98 -8.34 1.83
CA PHE A 45 -10.42 -8.45 1.69
C PHE A 45 -10.87 -9.20 0.43
N ASN A 46 -10.02 -9.26 -0.58
CA ASN A 46 -10.40 -9.92 -1.84
C ASN A 46 -9.51 -11.07 -2.26
N LYS A 47 -8.22 -11.00 -1.96
CA LYS A 47 -7.30 -11.98 -2.51
C LYS A 47 -6.30 -12.60 -1.53
N GLN A 48 -6.80 -13.14 -0.42
CA GLN A 48 -5.89 -13.80 0.54
C GLN A 48 -5.11 -14.94 -0.10
N SER A 49 -5.59 -15.47 -1.22
CA SER A 49 -4.85 -16.52 -1.93
C SER A 49 -3.57 -15.98 -2.55
N ASP A 50 -3.46 -14.66 -2.66
CA ASP A 50 -2.26 -14.02 -3.21
C ASP A 50 -1.10 -14.02 -2.23
N ILE A 51 -1.38 -14.25 -0.95
CA ILE A 51 -0.37 -14.05 0.07
C ILE A 51 0.85 -14.93 -0.17
N ILE A 52 0.66 -16.21 -0.46
CA ILE A 52 1.81 -17.09 -0.67
C ILE A 52 2.55 -16.76 -1.98
N LYS A 53 1.82 -16.25 -2.96
CA LYS A 53 2.44 -15.82 -4.21
C LYS A 53 3.37 -14.63 -3.99
N TRP A 54 2.94 -13.64 -3.21
CA TRP A 54 3.83 -12.54 -2.87
C TRP A 54 5.00 -13.02 -2.04
N GLN A 55 4.76 -13.94 -1.11
CA GLN A 55 5.86 -14.40 -0.26
C GLN A 55 6.91 -15.12 -1.11
N ASN A 56 6.44 -15.97 -2.03
CA ASN A 56 7.33 -16.67 -2.95
C ASN A 56 8.13 -15.67 -3.80
N LEU A 57 7.46 -14.63 -4.26
CA LEU A 57 8.09 -13.61 -5.10
C LEU A 57 9.22 -12.92 -4.34
N ILE A 58 8.93 -12.49 -3.12
CA ILE A 58 9.94 -11.83 -2.30
C ILE A 58 11.11 -12.78 -2.04
N HIS A 59 10.78 -14.03 -1.74
CA HIS A 59 11.81 -15.06 -1.56
C HIS A 59 12.74 -15.15 -2.78
N ASP A 60 12.16 -15.16 -3.98
CA ASP A 60 12.98 -15.26 -5.18
C ASP A 60 13.73 -13.96 -5.53
N SER A 61 13.38 -12.82 -4.94
CA SER A 61 13.80 -11.53 -5.49
CA SER A 61 13.80 -11.53 -5.47
C SER A 61 15.14 -10.99 -5.00
N HIS A 62 15.91 -11.81 -4.30
CA HIS A 62 17.27 -11.37 -3.99
C HIS A 62 18.11 -11.47 -5.27
N MET A 63 17.83 -12.52 -6.04
CA MET A 63 18.50 -12.78 -7.31
C MET A 63 18.49 -11.59 -8.26
N THR A 71 18.60 -10.90 -17.48
CA THR A 71 18.88 -12.23 -16.94
C THR A 71 17.62 -13.11 -16.90
N THR A 72 17.82 -14.43 -16.80
CA THR A 72 16.75 -15.40 -17.00
C THR A 72 15.77 -15.51 -15.82
N LYS A 73 16.29 -15.50 -14.60
CA LYS A 73 15.44 -15.60 -13.42
C LYS A 73 14.70 -14.29 -13.18
N THR A 74 15.22 -13.21 -13.74
CA THR A 74 14.56 -11.92 -13.65
C THR A 74 13.23 -11.99 -14.36
N ILE A 75 13.24 -12.58 -15.55
CA ILE A 75 12.05 -12.70 -16.36
C ILE A 75 10.98 -13.54 -15.65
N ALA A 76 11.37 -14.58 -14.94
CA ALA A 76 10.40 -15.41 -14.23
C ALA A 76 9.68 -14.61 -13.15
N ILE A 77 10.43 -13.76 -12.46
CA ILE A 77 9.89 -12.90 -11.43
C ILE A 77 8.98 -11.84 -12.03
N TYR A 78 9.46 -11.23 -13.12
CA TYR A 78 8.71 -10.14 -13.76
C TYR A 78 7.38 -10.68 -14.27
N ASP A 79 7.38 -11.93 -14.74
CA ASP A 79 6.16 -12.58 -15.21
C ASP A 79 5.18 -12.82 -14.06
N LYS A 80 5.71 -13.24 -12.92
CA LYS A 80 4.88 -13.46 -11.73
C LYS A 80 4.28 -12.13 -11.26
N LEU A 81 5.11 -11.09 -11.28
CA LEU A 81 4.67 -9.75 -10.95
C LEU A 81 3.51 -9.31 -11.83
N LYS A 82 3.64 -9.56 -13.14
CA LYS A 82 2.57 -9.26 -14.09
C LYS A 82 1.30 -10.06 -13.84
N GLU A 83 1.44 -11.36 -13.58
CA GLU A 83 0.30 -12.21 -13.25
C GLU A 83 -0.49 -11.63 -12.08
N LEU A 84 0.23 -11.31 -11.01
CA LEU A 84 -0.41 -10.83 -9.79
C LEU A 84 -1.21 -9.54 -10.01
N LEU A 85 -0.71 -8.70 -10.89
CA LEU A 85 -1.28 -7.38 -11.09
C LEU A 85 -2.25 -7.31 -12.27
N ASP A 86 -2.57 -8.45 -12.83
CA ASP A 86 -3.41 -8.47 -14.01
C ASP A 86 -4.79 -7.93 -13.72
N GLY A 87 -5.26 -7.03 -14.58
CA GLY A 87 -6.56 -6.38 -14.42
C GLY A 87 -6.59 -5.16 -13.52
N TYR A 88 -5.43 -4.79 -12.97
CA TYR A 88 -5.31 -3.59 -12.14
C TYR A 88 -4.72 -2.43 -12.94
N ILE A 89 -5.03 -1.20 -12.54
CA ILE A 89 -4.54 -0.04 -13.29
C ILE A 89 -3.52 0.74 -12.49
N ALA A 90 -3.29 0.32 -11.25
CA ALA A 90 -2.30 0.98 -10.42
C ALA A 90 -1.89 0.09 -9.25
N THR A 91 -0.75 0.40 -8.65
CA THR A 91 -0.29 -0.26 -7.41
C THR A 91 -0.05 0.75 -6.28
N THR A 92 -0.44 0.40 -5.06
CA THR A 92 -0.08 1.22 -3.89
C THR A 92 0.29 0.27 -2.76
N ASP A 93 1.01 0.78 -1.77
CA ASP A 93 1.18 0.12 -0.48
C ASP A 93 2.06 -1.13 -0.54
N LEU A 94 2.42 -1.67 0.64
CA LEU A 94 2.96 -3.03 0.73
C LEU A 94 1.94 -4.01 0.14
N PRO A 95 2.41 -5.12 -0.45
CA PRO A 95 3.81 -5.49 -0.64
C PRO A 95 4.43 -4.91 -1.91
N THR A 96 3.63 -4.27 -2.75
CA THR A 96 4.13 -3.82 -4.05
C THR A 96 5.19 -2.72 -3.98
N CYS A 97 5.07 -1.79 -3.03
CA CYS A 97 5.86 -0.55 -3.13
C CYS A 97 7.36 -0.81 -3.15
N GLY A 98 7.81 -1.86 -2.48
CA GLY A 98 9.21 -2.24 -2.54
C GLY A 98 9.70 -2.70 -3.92
N PHE A 99 8.77 -3.03 -4.81
CA PHE A 99 9.13 -3.46 -6.16
C PHE A 99 9.10 -2.34 -7.21
N TYR A 100 9.01 -1.09 -6.78
CA TYR A 100 8.75 0.01 -7.73
C TYR A 100 9.75 0.06 -8.88
N LYS A 101 11.03 -0.23 -8.61
CA LYS A 101 12.04 -0.22 -9.69
C LYS A 101 11.77 -1.30 -10.74
N ASP A 102 11.35 -2.48 -10.30
CA ASP A 102 11.03 -3.55 -11.24
C ASP A 102 9.73 -3.24 -11.98
N LEU A 103 8.76 -2.68 -11.28
CA LEU A 103 7.49 -2.32 -11.90
C LEU A 103 7.74 -1.24 -12.98
N MET A 104 8.70 -0.35 -12.74
CA MET A 104 9.07 0.65 -13.75
C MET A 104 9.57 0.02 -15.05
N ASN A 105 10.31 -1.07 -14.93
CA ASN A 105 10.80 -1.79 -16.10
C ASN A 105 9.70 -2.60 -16.81
N ILE A 106 8.87 -3.26 -16.02
CA ILE A 106 7.76 -4.05 -16.55
C ILE A 106 6.70 -3.20 -17.25
N TYR A 107 6.43 -2.01 -16.70
CA TYR A 107 5.43 -1.08 -17.22
C TYR A 107 6.08 0.25 -17.57
N PRO A 108 6.78 0.29 -18.72
CA PRO A 108 7.63 1.43 -19.06
C PRO A 108 6.86 2.72 -19.27
N ASN A 109 5.55 2.60 -19.53
CA ASN A 109 4.74 3.79 -19.72
C ASN A 109 3.92 4.18 -18.50
N ALA A 110 4.20 3.54 -17.37
CA ALA A 110 3.52 3.90 -16.12
C ALA A 110 4.28 5.03 -15.40
N LYS A 111 3.54 5.94 -14.79
CA LYS A 111 4.16 7.02 -14.03
C LYS A 111 4.29 6.59 -12.58
N VAL A 112 5.18 7.25 -11.84
CA VAL A 112 5.49 6.87 -10.47
C VAL A 112 5.08 7.98 -9.50
N LEU A 113 4.41 7.59 -8.42
CA LEU A 113 4.07 8.49 -7.32
C LEU A 113 4.85 8.15 -6.06
N LEU A 114 5.15 9.18 -5.27
CA LEU A 114 5.68 8.97 -3.92
C LEU A 114 4.85 9.74 -2.90
N THR A 115 4.11 9.02 -2.06
CA THR A 115 3.36 9.68 -0.98
C THR A 115 4.26 9.79 0.24
N ILE A 116 4.37 11.00 0.78
CA ILE A 116 5.18 11.23 1.98
C ILE A 116 4.41 12.02 3.03
N ARG A 117 4.94 12.02 4.25
CA ARG A 117 4.39 12.83 5.33
C ARG A 117 5.43 13.01 6.43
N ASP A 118 5.12 13.86 7.40
CA ASP A 118 5.95 14.05 8.59
C ASP A 118 6.32 12.70 9.20
N LYS A 119 7.62 12.46 9.39
CA LYS A 119 8.12 11.15 9.80
C LYS A 119 7.61 10.71 11.16
N TYR A 120 7.40 11.66 12.08
CA TYR A 120 6.92 11.28 13.40
C TYR A 120 5.45 10.93 13.34
N ASP A 121 4.66 11.68 12.56
CA ASP A 121 3.26 11.33 12.35
C ASP A 121 3.14 9.94 11.71
N TRP A 122 4.04 9.65 10.77
CA TRP A 122 4.07 8.33 10.13
C TRP A 122 4.35 7.22 11.13
N LEU A 123 5.40 7.38 11.92
CA LEU A 123 5.75 6.37 12.92
C LEU A 123 4.61 6.12 13.91
N HIS A 124 3.97 7.18 14.37
N HIS A 124 3.97 7.18 14.38
CA HIS A 124 2.88 7.05 15.34
CA HIS A 124 2.89 7.04 15.36
C HIS A 124 1.67 6.36 14.73
C HIS A 124 1.67 6.37 14.74
N SER A 125 1.36 6.68 13.49
CA SER A 125 0.30 5.99 12.75
C SER A 125 0.65 4.49 12.56
N LEU A 126 1.89 4.22 12.19
CA LEU A 126 2.32 2.83 11.96
C LEU A 126 2.20 2.00 13.24
N ARG A 127 2.54 2.59 14.38
CA ARG A 127 2.52 1.88 15.65
C ARG A 127 1.12 1.54 16.10
N LYS A 128 0.16 2.36 15.68
CA LYS A 128 -1.20 2.15 16.12
C LYS A 128 -1.92 1.13 15.26
N VAL A 129 -1.38 0.86 14.08
CA VAL A 129 -2.15 0.13 13.07
C VAL A 129 -1.42 -1.08 12.53
N VAL A 130 -0.18 -0.90 12.10
CA VAL A 130 0.55 -1.92 11.36
C VAL A 130 1.57 -2.67 12.22
N LEU A 131 2.26 -1.93 13.08
CA LEU A 131 3.45 -2.45 13.75
C LEU A 131 3.55 -1.93 15.17
N PRO A 132 2.61 -2.35 16.04
CA PRO A 132 2.68 -1.93 17.44
C PRO A 132 3.93 -2.51 18.06
N LYS A 133 4.45 -1.90 19.12
CA LYS A 133 5.57 -2.48 19.85
C LYS A 133 5.08 -3.76 20.51
N SER A 134 5.94 -4.77 20.59
CA SER A 134 5.52 -6.08 21.07
C SER A 134 5.02 -6.08 22.52
N ASN A 135 5.39 -5.06 23.29
CA ASN A 135 4.90 -4.91 24.66
C ASN A 135 3.59 -4.09 24.74
N ASP A 136 3.10 -3.62 23.61
CA ASP A 136 1.88 -2.81 23.56
C ASP A 136 0.66 -3.72 23.67
N PRO A 137 -0.18 -3.49 24.70
CA PRO A 137 -1.40 -4.30 24.86
C PRO A 137 -2.33 -4.21 23.65
N TRP A 138 -2.25 -3.09 22.91
CA TRP A 138 -3.10 -2.94 21.72
C TRP A 138 -2.80 -4.06 20.73
N LYS A 139 -1.55 -4.51 20.68
CA LYS A 139 -1.16 -5.55 19.73
C LYS A 139 -2.03 -6.81 19.87
N LEU A 140 -2.54 -7.06 21.08
CA LEU A 140 -3.36 -8.24 21.31
C LEU A 140 -4.72 -8.09 20.67
N LYS A 141 -5.21 -6.85 20.62
CA LYS A 141 -6.48 -6.55 19.99
C LYS A 141 -6.35 -6.65 18.49
N ILE A 142 -5.24 -6.17 17.96
CA ILE A 142 -4.97 -6.26 16.53
C ILE A 142 -4.95 -7.73 16.09
N GLU A 143 -4.26 -8.57 16.87
CA GLU A 143 -4.18 -9.99 16.54
C GLU A 143 -5.55 -10.66 16.57
N GLU A 144 -6.37 -10.28 17.52
CA GLU A 144 -7.73 -10.82 17.64
C GLU A 144 -8.63 -10.41 16.48
N GLY A 145 -8.54 -9.14 16.08
CA GLY A 145 -9.33 -8.65 14.97
C GLY A 145 -8.88 -9.31 13.68
N ASP A 146 -7.58 -9.46 13.54
CA ASP A 146 -7.01 -10.14 12.38
C ASP A 146 -7.53 -11.57 12.23
N LYS A 147 -7.65 -12.30 13.33
CA LYS A 147 -8.15 -13.67 13.24
C LYS A 147 -9.58 -13.68 12.69
N VAL A 148 -10.37 -12.67 13.07
CA VAL A 148 -11.75 -12.58 12.59
C VAL A 148 -11.79 -12.46 11.08
N LEU A 149 -10.78 -11.77 10.54
CA LEU A 149 -10.61 -11.58 9.10
C LEU A 149 -9.95 -12.78 8.41
N GLY A 150 -9.50 -13.74 9.20
CA GLY A 150 -8.89 -14.92 8.62
C GLY A 150 -7.41 -14.72 8.30
N LEU A 151 -6.81 -13.69 8.87
CA LEU A 151 -5.38 -13.45 8.71
C LEU A 151 -4.55 -14.25 9.69
N ASN A 152 -3.68 -15.12 9.17
CA ASN A 152 -2.85 -15.94 10.04
C ASN A 152 -1.40 -15.52 10.04
N SER A 153 -0.53 -16.40 10.53
CA SER A 153 0.89 -16.09 10.68
C SER A 153 1.53 -15.77 9.33
N ASP A 154 1.02 -16.37 8.26
CA ASP A 154 1.59 -16.11 6.92
C ASP A 154 1.36 -14.68 6.49
N PHE A 155 0.25 -14.08 6.91
CA PHE A 155 -0.01 -12.69 6.63
C PHE A 155 1.03 -11.80 7.31
N TYR A 156 1.27 -12.03 8.59
CA TYR A 156 2.26 -11.24 9.32
C TYR A 156 3.66 -11.42 8.74
N LYS A 157 3.97 -12.63 8.30
CA LYS A 157 5.25 -12.89 7.67
C LYS A 157 5.37 -12.06 6.38
N LEU A 158 4.34 -12.10 5.55
CA LEU A 158 4.35 -11.29 4.32
C LEU A 158 4.49 -9.80 4.64
N SER A 159 3.77 -9.34 5.65
N SER A 159 3.77 -9.34 5.65
CA SER A 159 3.85 -7.94 6.04
CA SER A 159 3.87 -7.93 6.01
C SER A 159 5.29 -7.56 6.41
C SER A 159 5.31 -7.56 6.39
N GLU A 160 5.88 -8.30 7.33
CA GLU A 160 7.25 -8.02 7.79
C GLU A 160 8.29 -8.19 6.69
N ASP A 161 8.18 -9.27 5.92
CA ASP A 161 9.14 -9.50 4.84
C ASP A 161 9.07 -8.45 3.73
N SER A 162 7.87 -7.93 3.45
CA SER A 162 7.75 -6.94 2.37
C SER A 162 8.23 -5.57 2.85
N LEU A 163 8.14 -5.30 4.15
CA LEU A 163 8.73 -4.10 4.71
C LEU A 163 10.25 -4.22 4.69
N LYS A 164 10.77 -5.39 5.08
CA LYS A 164 12.21 -5.65 5.04
C LYS A 164 12.73 -5.53 3.61
N PHE A 165 11.92 -5.99 2.68
CA PHE A 165 12.29 -5.93 1.27
C PHE A 165 12.31 -4.46 0.78
N ALA A 166 11.29 -3.71 1.16
CA ALA A 166 11.22 -2.29 0.78
C ALA A 166 12.42 -1.51 1.36
N PHE A 167 12.78 -1.79 2.62
CA PHE A 167 13.91 -1.12 3.27
C PHE A 167 15.26 -1.73 2.93
N GLN A 168 15.24 -2.81 2.16
CA GLN A 168 16.42 -3.62 1.84
C GLN A 168 17.29 -3.93 3.09
N LYS A 169 16.67 -4.60 4.06
CA LYS A 169 17.37 -4.97 5.29
C LYS A 169 17.06 -6.41 5.72
N ASP A 170 18.08 -7.27 5.65
CA ASP A 170 17.94 -8.71 5.93
C ASP A 170 17.23 -9.00 7.25
N ASP A 171 17.42 -8.11 8.21
CA ASP A 171 16.61 -8.10 9.42
C ASP A 171 16.49 -6.68 9.96
N LEU A 172 15.56 -6.52 10.89
CA LEU A 172 15.06 -5.21 11.23
C LEU A 172 14.48 -5.26 12.63
N ASN A 173 15.06 -4.49 13.55
CA ASN A 173 14.47 -4.42 14.86
C ASN A 173 13.19 -3.59 14.80
N PHE A 174 12.06 -4.27 14.65
CA PHE A 174 10.78 -3.58 14.49
C PHE A 174 10.39 -2.80 15.73
N ASP A 175 10.97 -3.14 16.89
CA ASP A 175 10.64 -2.46 18.14
C ASP A 175 11.47 -1.19 18.33
N ASP A 176 12.30 -0.87 17.35
CA ASP A 176 13.20 0.27 17.49
C ASP A 176 12.77 1.46 16.61
N ASP A 177 12.17 2.49 17.23
CA ASP A 177 11.73 3.69 16.50
C ASP A 177 12.85 4.36 15.68
N GLN A 178 14.03 4.50 16.26
CA GLN A 178 15.12 5.20 15.57
C GLN A 178 15.45 4.52 14.25
N VAL A 179 15.51 3.19 14.29
CA VAL A 179 15.75 2.39 13.11
C VAL A 179 14.67 2.64 12.06
N LEU A 180 13.42 2.59 12.48
CA LEU A 180 12.31 2.76 11.52
C LEU A 180 12.32 4.15 10.91
N LEU A 181 12.62 5.15 11.74
CA LEU A 181 12.64 6.53 11.25
C LEU A 181 13.73 6.73 10.22
N GLU A 182 14.87 6.11 10.45
CA GLU A 182 15.99 6.19 9.54
C GLU A 182 15.66 5.47 8.23
N CYS A 183 15.01 4.31 8.31
CA CYS A 183 14.65 3.58 7.10
C CYS A 183 13.65 4.37 6.27
N TYR A 184 12.69 4.99 6.95
CA TYR A 184 11.69 5.84 6.30
C TYR A 184 12.32 6.95 5.47
N ASP A 185 13.17 7.76 6.10
CA ASP A 185 13.84 8.86 5.41
C ASP A 185 14.71 8.35 4.26
N GLU A 186 15.49 7.30 4.52
CA GLU A 186 16.34 6.73 3.48
C GLU A 186 15.54 6.17 2.29
N TYR A 187 14.44 5.48 2.59
CA TYR A 187 13.57 4.96 1.54
C TYR A 187 13.05 6.09 0.64
N ASN A 188 12.49 7.12 1.25
CA ASN A 188 11.92 8.22 0.49
C ASN A 188 12.98 8.96 -0.30
N ARG A 189 14.15 9.11 0.31
CA ARG A 189 15.29 9.73 -0.35
C ARG A 189 15.69 8.93 -1.59
N LEU A 190 15.76 7.61 -1.45
CA LEU A 190 16.23 6.75 -2.53
C LEU A 190 15.26 6.71 -3.71
N VAL A 191 13.96 6.80 -3.43
CA VAL A 191 12.96 6.87 -4.49
C VAL A 191 13.21 8.11 -5.36
N GLN A 192 13.40 9.25 -4.72
CA GLN A 192 13.56 10.51 -5.44
C GLN A 192 14.86 10.55 -6.21
N GLU A 193 15.86 9.84 -5.71
CA GLU A 193 17.12 9.70 -6.42
C GLU A 193 17.02 8.75 -7.63
N THR A 194 16.28 7.65 -7.46
CA THR A 194 16.24 6.59 -8.46
C THR A 194 15.28 6.87 -9.64
N VAL A 195 14.14 7.51 -9.37
CA VAL A 195 13.18 7.79 -10.43
C VAL A 195 13.41 9.16 -11.09
N PRO A 196 13.58 9.17 -12.43
CA PRO A 196 13.65 10.42 -13.21
C PRO A 196 12.53 11.39 -12.86
N SER A 197 12.87 12.63 -12.54
CA SER A 197 11.89 13.63 -12.07
C SER A 197 10.74 13.82 -13.04
N ASP A 198 10.98 13.53 -14.33
CA ASP A 198 9.95 13.55 -15.36
C ASP A 198 8.86 12.51 -15.12
N ARG A 199 9.23 11.45 -14.44
CA ARG A 199 8.35 10.31 -14.25
C ARG A 199 7.80 10.22 -12.83
N LEU A 200 8.21 11.15 -11.95
CA LEU A 200 7.88 11.11 -10.53
C LEU A 200 7.02 12.29 -10.09
N LEU A 201 5.99 12.02 -9.29
CA LEU A 201 5.28 13.07 -8.56
C LEU A 201 5.31 12.77 -7.07
N VAL A 202 5.81 13.71 -6.26
CA VAL A 202 5.80 13.52 -4.82
C VAL A 202 4.56 14.19 -4.19
N LEU A 203 3.74 13.40 -3.48
CA LEU A 203 2.49 13.88 -2.91
C LEU A 203 2.52 13.96 -1.40
N ARG A 204 2.49 15.17 -0.86
CA ARG A 204 2.32 15.26 0.59
C ARG A 204 0.87 15.01 0.96
N LEU A 205 0.65 14.34 2.10
CA LEU A 205 -0.68 14.15 2.64
C LEU A 205 -1.44 15.46 2.62
N GLY A 206 -2.66 15.45 2.08
CA GLY A 206 -3.47 16.64 2.06
C GLY A 206 -3.40 17.45 0.76
N ASP A 207 -2.51 17.06 -0.16
CA ASP A 207 -2.38 17.76 -1.44
C ASP A 207 -3.65 17.67 -2.30
N GLY A 208 -4.42 16.59 -2.13
CA GLY A 208 -5.66 16.43 -2.87
C GLY A 208 -5.55 16.16 -4.37
N TRP A 209 -6.63 16.44 -5.10
CA TRP A 209 -6.76 16.10 -6.53
C TRP A 209 -5.77 16.80 -7.48
N GLU A 210 -5.56 18.09 -7.29
CA GLU A 210 -5.00 18.91 -8.36
C GLU A 210 -3.62 18.48 -8.89
N PRO A 211 -2.63 18.28 -8.01
CA PRO A 211 -1.35 17.90 -8.62
C PRO A 211 -1.41 16.52 -9.25
N LEU A 212 -2.17 15.62 -8.64
CA LEU A 212 -2.33 14.26 -9.16
C LEU A 212 -2.96 14.25 -10.55
N CYS A 213 -4.09 14.93 -10.68
CA CYS A 213 -4.80 14.91 -11.96
C CYS A 213 -3.99 15.60 -13.05
N LYS A 214 -3.21 16.61 -12.69
CA LYS A 214 -2.39 17.31 -13.67
C LYS A 214 -1.32 16.37 -14.23
N PHE A 215 -0.66 15.67 -13.32
CA PHE A 215 0.36 14.68 -13.62
C PHE A 215 -0.16 13.57 -14.52
N LEU A 216 -1.45 13.23 -14.34
CA LEU A 216 -2.06 12.13 -15.06
C LEU A 216 -2.83 12.57 -16.30
N ASN A 217 -2.84 13.88 -16.56
CA ASN A 217 -3.58 14.46 -17.69
C ASN A 217 -5.06 14.12 -17.68
N VAL A 218 -5.66 14.10 -16.49
CA VAL A 218 -7.11 13.86 -16.41
C VAL A 218 -7.85 15.01 -15.73
N GLU A 219 -9.14 15.11 -15.97
CA GLU A 219 -9.96 16.13 -15.33
C GLU A 219 -10.18 15.78 -13.85
N ILE A 220 -10.24 16.81 -13.00
CA ILE A 220 -10.62 16.58 -11.61
C ILE A 220 -12.05 16.06 -11.56
N PRO A 221 -12.27 14.89 -10.92
CA PRO A 221 -13.59 14.28 -10.77
C PRO A 221 -14.64 15.28 -10.34
N ASN A 222 -15.77 15.27 -11.02
CA ASN A 222 -16.79 16.29 -10.82
C ASN A 222 -17.50 16.13 -9.48
N GLY A 223 -17.35 17.13 -8.61
CA GLY A 223 -18.08 17.19 -7.36
C GLY A 223 -17.65 16.20 -6.29
N ILE A 224 -16.60 15.44 -6.56
CA ILE A 224 -16.14 14.40 -5.64
C ILE A 224 -14.91 14.90 -4.87
N ASP A 225 -15.02 14.99 -3.55
CA ASP A 225 -13.89 15.39 -2.72
C ASP A 225 -12.80 14.31 -2.76
N TYR A 226 -11.55 14.72 -2.62
CA TYR A 226 -10.44 13.75 -2.58
C TYR A 226 -10.58 12.89 -1.33
N PRO A 227 -10.47 11.56 -1.48
CA PRO A 227 -10.74 10.64 -0.36
C PRO A 227 -9.92 10.94 0.90
N CYS A 228 -10.56 10.76 2.05
CA CYS A 228 -9.87 10.89 3.32
C CYS A 228 -10.25 9.71 4.20
N VAL A 229 -9.51 8.61 4.07
CA VAL A 229 -9.88 7.35 4.74
C VAL A 229 -8.67 6.70 5.40
N ASN A 230 -8.96 5.73 6.27
CA ASN A 230 -7.93 4.87 6.87
C ASN A 230 -7.10 5.56 7.96
N SER A 231 -7.70 6.50 8.68
CA SER A 231 -7.08 7.09 9.85
C SER A 231 -6.89 6.03 10.95
N HIS A 232 -5.89 6.19 11.81
CA HIS A 232 -5.69 5.18 12.85
C HIS A 232 -6.92 5.10 13.76
N HIS A 233 -7.61 6.23 13.97
CA HIS A 233 -8.84 6.22 14.77
C HIS A 233 -9.89 5.30 14.14
N GLN A 234 -10.01 5.36 12.81
CA GLN A 234 -10.99 4.54 12.10
C GLN A 234 -10.62 3.06 12.15
N MET A 235 -9.34 2.76 11.97
CA MET A 235 -8.82 1.40 12.10
CA MET A 235 -8.87 1.39 12.07
C MET A 235 -9.03 0.84 13.50
N THR A 236 -8.90 1.70 14.51
CA THR A 236 -9.15 1.26 15.89
C THR A 236 -10.62 0.86 16.06
N GLN A 237 -11.53 1.67 15.53
CA GLN A 237 -12.95 1.34 15.55
C GLN A 237 -13.23 0.05 14.77
N LEU A 238 -12.59 -0.13 13.61
CA LEU A 238 -12.81 -1.35 12.85
C LEU A 238 -12.38 -2.57 13.68
N THR A 239 -11.20 -2.49 14.27
CA THR A 239 -10.66 -3.57 15.09
C THR A 239 -11.61 -3.91 16.23
N GLU A 240 -12.03 -2.90 16.97
CA GLU A 240 -12.96 -3.12 18.08
C GLU A 240 -14.28 -3.73 17.61
N GLN A 241 -14.79 -3.28 16.46
CA GLN A 241 -16.04 -3.80 15.93
C GLN A 241 -15.89 -5.26 15.47
N LEU A 242 -14.75 -5.57 14.86
CA LEU A 242 -14.44 -6.94 14.46
C LEU A 242 -14.41 -7.86 15.68
N ILE A 243 -13.78 -7.39 16.76
CA ILE A 243 -13.74 -8.14 18.01
C ILE A 243 -15.15 -8.38 18.58
N LYS A 244 -15.98 -7.34 18.57
CA LYS A 244 -17.33 -7.38 19.11
C LYS A 244 -18.26 -8.33 18.33
N TYR A 245 -18.33 -8.18 17.01
CA TYR A 245 -19.29 -8.95 16.19
C TYR A 245 -18.78 -10.29 15.69
N LYS A 246 -17.46 -10.48 15.74
CA LYS A 246 -16.81 -11.72 15.31
C LYS A 246 -16.97 -12.03 13.81
N SER A 247 -17.23 -11.01 13.00
CA SER A 247 -17.22 -11.20 11.55
C SER A 247 -17.08 -9.88 10.84
N LEU A 248 -16.59 -9.94 9.61
CA LEU A 248 -16.49 -8.75 8.77
C LEU A 248 -17.86 -8.34 8.23
N ASP A 249 -18.59 -9.33 7.73
CA ASP A 249 -19.85 -9.09 7.03
C ASP A 249 -20.89 -8.45 7.92
N ALA A 250 -20.79 -8.69 9.23
CA ALA A 250 -21.73 -8.09 10.18
C ALA A 250 -21.63 -6.57 10.21
N ILE A 251 -20.45 -6.05 9.92
CA ILE A 251 -20.17 -4.62 10.12
C ILE A 251 -19.72 -3.88 8.86
N ILE A 252 -19.64 -4.58 7.74
CA ILE A 252 -19.01 -4.02 6.56
C ILE A 252 -19.77 -2.79 6.05
N HIS A 253 -21.08 -2.76 6.32
CA HIS A 253 -21.90 -1.63 5.92
C HIS A 253 -21.58 -0.36 6.73
N MET A 254 -20.83 -0.51 7.82
CA MET A 254 -20.50 0.62 8.69
CA MET A 254 -20.49 0.61 8.70
C MET A 254 -19.21 1.30 8.27
N PHE A 255 -18.50 0.71 7.31
CA PHE A 255 -17.23 1.25 6.85
C PHE A 255 -17.23 1.34 5.33
N PRO A 256 -18.09 2.22 4.77
CA PRO A 256 -18.37 2.20 3.33
C PRO A 256 -17.15 2.45 2.42
N ASP A 257 -16.38 3.50 2.68
CA ASP A 257 -15.28 3.86 1.78
C ASP A 257 -13.97 3.19 2.18
N LEU A 258 -13.84 2.94 3.48
CA LEU A 258 -12.66 2.31 4.03
C LEU A 258 -12.42 0.93 3.42
N ILE A 259 -13.49 0.17 3.19
CA ILE A 259 -13.34 -1.14 2.59
C ILE A 259 -14.37 -1.35 1.46
P1 A3P B . -3.33 8.76 10.57
O1P A3P B . -2.22 9.58 11.15
O2P A3P B . -3.27 7.34 11.08
O3P A3P B . -4.71 9.31 10.85
P2 A3P B . -2.52 4.61 4.56
O4P A3P B . -1.32 4.58 3.66
O5P A3P B . -3.82 4.44 3.84
O6P A3P B . -2.40 3.61 5.72
O5' A3P B . -2.49 6.08 5.20
C5' A3P B . -3.43 6.44 6.22
C4' A3P B . -2.99 7.72 6.87
O4' A3P B . -3.09 8.83 5.93
C3' A3P B . -3.85 8.10 8.04
O3' A3P B . -3.07 8.84 8.97
C2' A3P B . -4.87 8.99 7.43
O2' A3P B . -5.47 9.86 8.37
C1' A3P B . -4.05 9.76 6.45
N9 A3P B . -4.81 10.29 5.38
C8 A3P B . -5.42 9.59 4.43
N7 A3P B . -6.03 10.42 3.57
C5 A3P B . -5.80 11.72 3.98
C6 A3P B . -6.18 13.00 3.49
N6 A3P B . -6.96 13.15 2.33
N1 A3P B . -5.77 14.08 4.16
C2 A3P B . -5.02 13.96 5.26
N3 A3P B . -4.64 12.77 5.76
C4 A3P B . -5.02 11.62 5.15
C1 OAQ C . -2.43 -2.50 6.47
C2 OAQ C . -1.13 -2.79 6.06
C3 OAQ C . -0.42 -3.80 6.72
C4 OAQ C . -1.00 -4.51 7.77
C5 OAQ C . -2.29 -4.20 8.18
C6 OAQ C . -3.00 -3.20 7.53
C7 OAQ C . -4.06 -4.38 9.93
C8 OAQ C . -4.35 -2.96 9.45
C9 OAQ C . -4.30 -2.89 7.94
C10 OAQ C . -0.55 -2.10 4.97
C11 OAQ C . -5.32 -5.26 9.81
C12 OAQ C . -7.78 -3.93 11.04
C13 OAQ C . -7.70 -5.73 12.74
C14 OAQ C . -7.29 -5.35 11.32
N1 OAQ C . -2.85 -4.91 9.26
N2 OAQ C . 0.81 -4.09 6.32
N3 OAQ C . -5.83 -5.47 11.18
O1 OAQ C . 1.10 -5.38 5.99
O2 OAQ C . 1.90 -3.01 6.32
O3 OAQ C . -1.41 -1.04 4.50
#